data_1ZCT
#
_entry.id   1ZCT
#
_cell.length_a   75.000
_cell.length_b   75.000
_cell.length_c   233.380
_cell.angle_alpha   90.00
_cell.angle_beta   90.00
_cell.angle_gamma   120.00
#
_symmetry.space_group_name_H-M   'P 64'
#
loop_
_entity.id
_entity.type
_entity.pdbx_description
1 polymer Glycogenin-1
2 non-polymer 'MANGANESE (II) ION'
3 non-polymer "URIDINE-5'-DIPHOSPHATE"
4 water water
#
_entity_poly.entity_id   1
_entity_poly.type   'polypeptide(L)'
_entity_poly.pdbx_seq_one_letter_code
;MGSSHHHHHHSSGLVPRGSHMTDQAFVTLTTNDAYAKGALVLGSSLKQHRTSRRLAVLTTPQVSDTMRKALEIVFDEVIT
VDILDSGDSAHLTLMKRPELGVTLTKLHCWSLTQYSKCVFMDADTLVLANIDDLFEREELSAAPDPGWPDCFNSGVFVYQ
PSVETYNQLLHVASEQGSFDGGDQGLLNTFFNSWATTDIRKHLPFIYNLSSISIYSYLPAFKAFGANAKVVHFLGQTKPW
NYTYDTKTKSVRSEGHDPTMTHPQFLNVWWDIFTTSVVPLLQQFGLVQDT
;
_entity_poly.pdbx_strand_id   A,B
#
loop_
_chem_comp.id
_chem_comp.type
_chem_comp.name
_chem_comp.formula
MN non-polymer 'MANGANESE (II) ION' 'Mn 2'
UDP RNA linking URIDINE-5'-DIPHOSPHATE 'C9 H14 N2 O12 P2'
#
# COMPACT_ATOMS: atom_id res chain seq x y z
N MET A 21 -22.37 19.94 -18.18
CA MET A 21 -20.98 19.43 -18.37
C MET A 21 -20.98 18.12 -19.19
N THR A 22 -21.44 18.21 -20.43
CA THR A 22 -21.53 17.06 -21.35
C THR A 22 -20.20 16.66 -22.06
N ASP A 23 -19.07 17.09 -21.50
CA ASP A 23 -17.75 16.77 -22.08
C ASP A 23 -16.91 15.87 -21.15
N GLN A 24 -17.32 15.79 -19.89
CA GLN A 24 -16.64 14.97 -18.88
C GLN A 24 -17.58 13.88 -18.36
N ALA A 25 -17.07 12.65 -18.24
CA ALA A 25 -17.87 11.52 -17.77
C ALA A 25 -17.11 10.48 -16.95
N PHE A 26 -17.89 9.62 -16.30
CA PHE A 26 -17.39 8.50 -15.51
C PHE A 26 -17.58 7.31 -16.44
N VAL A 27 -16.55 6.50 -16.58
CA VAL A 27 -16.64 5.36 -17.49
C VAL A 27 -16.37 4.04 -16.78
N THR A 28 -17.19 3.05 -17.12
CA THR A 28 -17.02 1.72 -16.55
C THR A 28 -17.14 0.64 -17.61
N LEU A 29 -17.00 -0.61 -17.19
CA LEU A 29 -17.06 -1.74 -18.11
C LEU A 29 -17.70 -2.96 -17.46
N THR A 30 -18.37 -3.74 -18.30
CA THR A 30 -18.99 -4.97 -17.88
C THR A 30 -19.13 -5.85 -19.12
N THR A 31 -18.55 -7.04 -19.07
CA THR A 31 -18.63 -7.96 -20.21
C THR A 31 -19.65 -9.08 -20.02
N ASN A 32 -20.37 -9.05 -18.90
CA ASN A 32 -21.38 -10.07 -18.61
C ASN A 32 -22.43 -9.55 -17.65
N ASP A 33 -23.39 -10.39 -17.30
CA ASP A 33 -24.48 -9.99 -16.40
C ASP A 33 -24.05 -9.80 -14.95
N ALA A 34 -22.98 -10.47 -14.55
CA ALA A 34 -22.48 -10.37 -13.19
C ALA A 34 -22.02 -8.95 -12.89
N TYR A 35 -20.97 -8.52 -13.60
CA TYR A 35 -20.42 -7.18 -13.43
C TYR A 35 -21.42 -6.10 -13.81
N ALA A 36 -22.46 -6.49 -14.54
CA ALA A 36 -23.50 -5.55 -14.95
C ALA A 36 -24.25 -5.10 -13.68
N LYS A 37 -24.46 -6.04 -12.76
CA LYS A 37 -25.16 -5.72 -11.50
C LYS A 37 -24.31 -4.65 -10.83
N GLY A 38 -23.00 -4.89 -10.80
CA GLY A 38 -22.06 -3.94 -10.21
C GLY A 38 -22.09 -2.57 -10.84
N ALA A 39 -22.05 -2.54 -12.17
CA ALA A 39 -22.10 -1.29 -12.93
C ALA A 39 -23.40 -0.55 -12.59
N LEU A 40 -24.50 -1.30 -12.55
CA LEU A 40 -25.80 -0.72 -12.21
C LEU A 40 -25.75 -0.10 -10.82
N VAL A 41 -25.07 -0.77 -9.88
CA VAL A 41 -24.95 -0.26 -8.52
C VAL A 41 -24.07 0.97 -8.49
N LEU A 42 -23.00 0.93 -9.27
CA LEU A 42 -22.07 2.04 -9.36
C LEU A 42 -22.80 3.25 -9.95
N GLY A 43 -23.44 3.04 -11.08
CA GLY A 43 -24.18 4.11 -11.74
C GLY A 43 -25.14 4.80 -10.79
N SER A 44 -25.92 4.00 -10.07
CA SER A 44 -26.90 4.51 -9.14
C SER A 44 -26.29 5.35 -8.04
N SER A 45 -25.15 4.92 -7.52
CA SER A 45 -24.50 5.66 -6.44
C SER A 45 -23.86 6.97 -6.97
N LEU A 46 -23.52 7.00 -8.26
CA LEU A 46 -22.95 8.20 -8.84
C LEU A 46 -24.06 9.26 -8.95
N LYS A 47 -25.27 8.82 -9.30
CA LYS A 47 -26.41 9.71 -9.40
C LYS A 47 -26.86 10.09 -8.00
N GLN A 48 -26.91 9.10 -7.11
CA GLN A 48 -27.32 9.29 -5.73
C GLN A 48 -26.52 10.36 -5.00
N HIS A 49 -25.31 10.63 -5.50
CA HIS A 49 -24.46 11.65 -4.89
C HIS A 49 -24.27 12.87 -5.79
N ARG A 50 -25.29 13.10 -6.63
CA ARG A 50 -25.40 14.24 -7.55
C ARG A 50 -24.21 14.60 -8.45
N THR A 51 -23.80 13.69 -9.32
CA THR A 51 -22.70 14.00 -10.21
C THR A 51 -23.22 14.87 -11.34
N SER A 52 -22.43 15.89 -11.70
CA SER A 52 -22.81 16.80 -12.77
C SER A 52 -22.22 16.35 -14.10
N ARG A 53 -21.39 15.32 -14.05
CA ARG A 53 -20.78 14.81 -15.26
C ARG A 53 -21.66 13.70 -15.82
N ARG A 54 -21.27 13.15 -16.97
CA ARG A 54 -22.02 12.09 -17.62
C ARG A 54 -21.64 10.73 -17.03
N LEU A 55 -22.44 9.71 -17.38
CA LEU A 55 -22.21 8.35 -16.93
C LEU A 55 -22.16 7.52 -18.18
N ALA A 56 -21.01 6.92 -18.45
CA ALA A 56 -20.84 6.10 -19.65
C ALA A 56 -20.39 4.69 -19.30
N VAL A 57 -20.87 3.71 -20.05
CA VAL A 57 -20.49 2.32 -19.79
C VAL A 57 -20.21 1.50 -21.04
N LEU A 58 -19.08 0.79 -21.05
CA LEU A 58 -18.67 -0.07 -22.17
C LEU A 58 -19.24 -1.46 -21.88
N THR A 59 -19.92 -2.06 -22.85
CA THR A 59 -20.48 -3.42 -22.68
C THR A 59 -20.09 -4.28 -23.88
N THR A 60 -20.35 -5.57 -23.81
CA THR A 60 -20.06 -6.47 -24.91
C THR A 60 -21.33 -7.23 -25.33
N PRO A 61 -21.32 -7.90 -26.49
CA PRO A 61 -22.48 -8.66 -26.97
C PRO A 61 -22.85 -9.81 -26.04
N GLN A 62 -21.95 -10.13 -25.11
CA GLN A 62 -22.18 -11.18 -24.14
C GLN A 62 -23.19 -10.74 -23.06
N VAL A 63 -23.40 -9.43 -22.92
CA VAL A 63 -24.34 -8.86 -21.95
C VAL A 63 -25.79 -9.07 -22.42
N SER A 64 -26.65 -9.62 -21.57
CA SER A 64 -28.04 -9.86 -21.97
C SER A 64 -28.84 -8.60 -22.36
N ASP A 65 -29.90 -8.83 -23.14
CA ASP A 65 -30.76 -7.77 -23.65
C ASP A 65 -31.53 -7.07 -22.51
N THR A 66 -31.72 -7.78 -21.41
CA THR A 66 -32.42 -7.23 -20.26
C THR A 66 -31.45 -6.31 -19.51
N MET A 67 -30.26 -6.83 -19.21
CA MET A 67 -29.22 -6.05 -18.52
C MET A 67 -28.83 -4.81 -19.31
N ARG A 68 -28.81 -4.95 -20.64
CA ARG A 68 -28.47 -3.85 -21.54
C ARG A 68 -29.46 -2.71 -21.35
N LYS A 69 -30.75 -3.05 -21.38
CA LYS A 69 -31.83 -2.08 -21.19
C LYS A 69 -31.76 -1.41 -19.84
N ALA A 70 -31.47 -2.20 -18.82
CA ALA A 70 -31.33 -1.67 -17.46
C ALA A 70 -30.22 -0.63 -17.43
N LEU A 71 -29.13 -0.93 -18.14
CA LEU A 71 -27.97 -0.03 -18.21
C LEU A 71 -28.33 1.25 -18.96
N GLU A 72 -29.16 1.14 -20.01
CA GLU A 72 -29.56 2.30 -20.80
C GLU A 72 -30.39 3.28 -19.99
N ILE A 73 -30.99 2.80 -18.93
CA ILE A 73 -31.80 3.61 -18.05
C ILE A 73 -30.86 4.36 -17.10
N VAL A 74 -29.97 3.61 -16.46
CA VAL A 74 -29.04 4.21 -15.51
C VAL A 74 -27.99 5.07 -16.19
N PHE A 75 -27.32 4.52 -17.18
CA PHE A 75 -26.27 5.27 -17.87
C PHE A 75 -26.75 6.26 -18.94
N ASP A 76 -26.00 7.34 -19.10
CA ASP A 76 -26.31 8.35 -20.09
C ASP A 76 -25.96 7.85 -21.49
N GLU A 77 -24.94 7.00 -21.57
CA GLU A 77 -24.50 6.46 -22.85
C GLU A 77 -23.95 5.04 -22.70
N VAL A 78 -24.47 4.11 -23.49
CA VAL A 78 -24.03 2.73 -23.46
C VAL A 78 -23.34 2.38 -24.77
N ILE A 79 -22.03 2.15 -24.70
CA ILE A 79 -21.24 1.82 -25.88
C ILE A 79 -20.94 0.33 -25.99
N THR A 80 -21.27 -0.26 -27.13
CA THR A 80 -21.02 -1.68 -27.36
C THR A 80 -19.62 -1.82 -27.97
N VAL A 81 -18.86 -2.78 -27.47
CA VAL A 81 -17.51 -3.04 -27.95
C VAL A 81 -17.42 -4.53 -28.17
N ASP A 82 -17.07 -4.93 -29.38
CA ASP A 82 -16.94 -6.33 -29.70
C ASP A 82 -15.55 -6.55 -30.26
N ILE A 83 -14.65 -7.14 -29.46
CA ILE A 83 -13.29 -7.39 -29.93
C ILE A 83 -13.10 -8.77 -30.56
N LEU A 84 -14.21 -9.52 -30.69
CA LEU A 84 -14.14 -10.84 -31.34
C LEU A 84 -14.42 -10.62 -32.83
N ASP A 85 -14.75 -9.37 -33.17
CA ASP A 85 -15.03 -8.96 -34.54
C ASP A 85 -13.76 -8.37 -35.17
N SER A 86 -13.41 -8.91 -36.34
CA SER A 86 -12.21 -8.49 -37.08
C SER A 86 -12.10 -6.98 -37.38
N GLY A 87 -13.22 -6.27 -37.27
CA GLY A 87 -13.23 -4.85 -37.53
C GLY A 87 -12.68 -4.01 -36.40
N ASP A 88 -12.86 -4.49 -35.17
CA ASP A 88 -12.40 -3.78 -33.97
C ASP A 88 -10.88 -3.56 -33.97
N SER A 89 -10.48 -2.35 -33.64
CA SER A 89 -9.08 -1.94 -33.60
C SER A 89 -8.18 -2.85 -32.79
N ALA A 90 -8.68 -3.35 -31.67
CA ALA A 90 -7.89 -4.23 -30.81
C ALA A 90 -7.97 -5.72 -31.14
N HIS A 91 -8.64 -6.07 -32.23
CA HIS A 91 -8.79 -7.47 -32.61
C HIS A 91 -7.55 -8.30 -32.87
N LEU A 92 -6.59 -7.76 -33.63
CA LEU A 92 -5.38 -8.52 -33.93
C LEU A 92 -4.46 -8.75 -32.74
N THR A 93 -4.53 -7.85 -31.76
CA THR A 93 -3.73 -7.94 -30.53
C THR A 93 -4.25 -9.08 -29.65
N LEU A 94 -5.54 -9.35 -29.76
CA LEU A 94 -6.18 -10.43 -29.00
C LEU A 94 -5.75 -11.80 -29.53
N MET A 95 -5.41 -11.87 -30.81
CA MET A 95 -4.97 -13.15 -31.38
C MET A 95 -3.62 -13.52 -30.81
N LYS A 96 -2.77 -12.51 -30.63
CA LYS A 96 -1.42 -12.68 -30.09
C LYS A 96 -1.43 -12.94 -28.58
N ARG A 97 -2.36 -12.30 -27.87
CA ARG A 97 -2.50 -12.46 -26.43
C ARG A 97 -3.96 -12.86 -26.15
N PRO A 98 -4.31 -14.15 -26.38
CA PRO A 98 -5.67 -14.67 -26.16
C PRO A 98 -6.21 -14.49 -24.74
N GLU A 99 -5.30 -14.24 -23.80
CA GLU A 99 -5.67 -14.06 -22.40
C GLU A 99 -6.07 -12.63 -22.03
N LEU A 100 -5.71 -11.65 -22.86
CA LEU A 100 -6.02 -10.26 -22.56
C LEU A 100 -7.35 -9.72 -23.07
N GLY A 101 -8.32 -10.58 -23.29
CA GLY A 101 -9.62 -10.12 -23.76
C GLY A 101 -10.28 -8.96 -23.03
N VAL A 102 -10.56 -9.15 -21.72
CA VAL A 102 -11.20 -8.12 -20.89
C VAL A 102 -10.31 -6.89 -20.78
N THR A 103 -9.01 -7.12 -20.71
CA THR A 103 -8.06 -6.03 -20.62
C THR A 103 -8.18 -5.08 -21.82
N LEU A 104 -8.21 -5.66 -23.03
CA LEU A 104 -8.30 -4.89 -24.26
C LEU A 104 -9.66 -4.19 -24.42
N THR A 105 -10.71 -4.82 -23.89
CA THR A 105 -12.04 -4.22 -23.94
C THR A 105 -12.11 -2.99 -23.04
N LYS A 106 -11.33 -3.02 -21.96
CA LYS A 106 -11.27 -1.92 -21.01
C LYS A 106 -10.47 -0.72 -21.54
N LEU A 107 -9.41 -0.98 -22.28
CA LEU A 107 -8.59 0.10 -22.82
C LEU A 107 -9.37 1.00 -23.79
N HIS A 108 -10.52 0.52 -24.23
CA HIS A 108 -11.36 1.27 -25.13
C HIS A 108 -11.91 2.53 -24.51
N CYS A 109 -11.71 2.71 -23.21
CA CYS A 109 -12.18 3.91 -22.53
C CYS A 109 -11.42 5.12 -23.09
N TRP A 110 -10.25 4.88 -23.66
CA TRP A 110 -9.43 5.93 -24.28
C TRP A 110 -9.96 6.28 -25.69
N SER A 111 -10.77 5.39 -26.26
CA SER A 111 -11.38 5.56 -27.58
C SER A 111 -12.57 6.47 -27.51
N LEU A 112 -12.97 6.84 -26.29
CA LEU A 112 -14.13 7.68 -26.06
C LEU A 112 -13.82 9.17 -26.25
N THR A 113 -13.41 9.49 -27.46
CA THR A 113 -13.03 10.87 -27.81
C THR A 113 -14.11 11.91 -27.74
N GLN A 114 -15.36 11.47 -27.61
CA GLN A 114 -16.49 12.39 -27.48
C GLN A 114 -16.43 13.07 -26.13
N TYR A 115 -15.54 12.55 -25.26
CA TYR A 115 -15.31 13.07 -23.92
C TYR A 115 -13.87 13.57 -23.83
N SER A 116 -13.68 14.69 -23.16
CA SER A 116 -12.35 15.30 -22.97
C SER A 116 -11.64 14.66 -21.77
N LYS A 117 -12.27 14.74 -20.60
CA LYS A 117 -11.71 14.15 -19.40
C LYS A 117 -12.67 13.07 -18.88
N CYS A 118 -12.08 11.97 -18.42
CA CYS A 118 -12.86 10.86 -17.89
C CYS A 118 -12.20 10.25 -16.68
N VAL A 119 -13.04 9.60 -15.87
CA VAL A 119 -12.61 8.90 -14.69
C VAL A 119 -13.11 7.48 -14.89
N PHE A 120 -12.21 6.55 -15.19
CA PHE A 120 -12.64 5.18 -15.35
C PHE A 120 -12.84 4.60 -13.95
N MET A 121 -13.88 3.77 -13.81
CA MET A 121 -14.17 3.14 -12.54
C MET A 121 -14.57 1.70 -12.74
N ASP A 122 -13.93 0.82 -11.99
CA ASP A 122 -14.25 -0.59 -12.08
C ASP A 122 -15.70 -0.89 -11.73
N ALA A 123 -16.30 -1.85 -12.42
CA ALA A 123 -17.69 -2.22 -12.15
C ALA A 123 -17.90 -2.73 -10.73
N ASP A 124 -16.81 -3.11 -10.05
CA ASP A 124 -16.87 -3.57 -8.66
C ASP A 124 -16.51 -2.47 -7.65
N THR A 125 -16.89 -1.25 -7.96
CA THR A 125 -16.64 -0.11 -7.05
C THR A 125 -17.97 0.50 -6.68
N LEU A 126 -17.96 1.32 -5.65
CA LEU A 126 -19.16 1.96 -5.17
C LEU A 126 -18.75 3.31 -4.64
N VAL A 127 -19.56 4.32 -4.96
CA VAL A 127 -19.32 5.72 -4.55
C VAL A 127 -20.11 6.04 -3.27
N LEU A 128 -19.47 6.69 -2.31
CA LEU A 128 -20.13 7.02 -1.04
C LEU A 128 -20.26 8.51 -0.77
N ALA A 129 -19.63 9.31 -1.63
CA ALA A 129 -19.66 10.76 -1.48
C ALA A 129 -19.35 11.33 -2.86
N ASN A 130 -19.76 12.56 -3.12
CA ASN A 130 -19.50 13.16 -4.43
C ASN A 130 -17.99 13.24 -4.67
N ILE A 131 -17.58 12.74 -5.84
CA ILE A 131 -16.16 12.75 -6.21
C ILE A 131 -15.90 13.45 -7.55
N ASP A 132 -16.74 14.44 -7.87
CA ASP A 132 -16.60 15.20 -9.10
C ASP A 132 -15.32 16.00 -9.13
N ASP A 133 -14.74 16.25 -7.96
CA ASP A 133 -13.49 16.99 -7.86
C ASP A 133 -12.30 16.23 -8.42
N LEU A 134 -12.51 14.96 -8.74
CA LEU A 134 -11.45 14.12 -9.33
C LEU A 134 -11.12 14.66 -10.69
N PHE A 135 -12.03 15.44 -11.24
CA PHE A 135 -11.87 16.02 -12.56
C PHE A 135 -10.83 17.14 -12.68
N GLU A 136 -10.28 17.54 -11.53
CA GLU A 136 -9.25 18.56 -11.46
C GLU A 136 -7.86 17.96 -11.74
N ARG A 137 -7.74 16.64 -11.67
CA ARG A 137 -6.47 15.93 -11.89
C ARG A 137 -6.20 15.75 -13.38
N GLU A 138 -4.96 15.44 -13.74
CA GLU A 138 -4.65 15.23 -15.15
C GLU A 138 -4.14 13.82 -15.36
N GLU A 139 -4.29 13.31 -16.59
CA GLU A 139 -3.83 11.97 -16.93
C GLU A 139 -2.34 11.78 -16.62
N LEU A 140 -1.99 10.74 -15.85
CA LEU A 140 -2.94 9.78 -15.29
C LEU A 140 -2.90 9.80 -13.79
N SER A 141 -4.06 9.99 -13.18
CA SER A 141 -4.14 10.03 -11.73
C SER A 141 -4.81 8.78 -11.19
N ALA A 142 -4.15 8.15 -10.21
CA ALA A 142 -4.64 6.93 -9.59
C ALA A 142 -4.18 6.86 -8.14
N ALA A 143 -4.83 6.03 -7.33
CA ALA A 143 -4.46 5.85 -5.93
C ALA A 143 -3.51 4.65 -5.82
N PRO A 144 -2.70 4.60 -4.76
CA PRO A 144 -1.76 3.48 -4.58
C PRO A 144 -2.51 2.18 -4.39
N ASP A 145 -1.86 1.09 -4.74
CA ASP A 145 -2.43 -0.24 -4.60
C ASP A 145 -1.81 -0.85 -3.35
N PRO A 146 -2.63 -1.37 -2.41
CA PRO A 146 -2.13 -1.99 -1.17
C PRO A 146 -1.43 -3.30 -1.53
N GLY A 147 -0.38 -3.66 -0.82
CA GLY A 147 0.29 -4.87 -1.24
C GLY A 147 1.52 -4.42 -1.99
N TRP A 148 1.35 -3.62 -3.04
CA TRP A 148 2.51 -3.05 -3.74
C TRP A 148 2.18 -1.57 -4.04
N PRO A 149 2.43 -0.68 -3.08
CA PRO A 149 2.16 0.75 -3.19
C PRO A 149 2.86 1.57 -4.27
N ASP A 150 3.90 1.01 -4.89
CA ASP A 150 4.54 1.77 -5.94
C ASP A 150 3.78 1.60 -7.25
N CYS A 151 2.83 0.66 -7.26
CA CYS A 151 1.95 0.46 -8.41
C CYS A 151 0.64 1.13 -8.01
N PHE A 152 -0.02 1.79 -8.94
CA PHE A 152 -1.30 2.39 -8.68
C PHE A 152 -2.36 1.34 -9.01
N ASN A 153 -3.54 1.46 -8.40
CA ASN A 153 -4.63 0.53 -8.65
C ASN A 153 -5.39 1.07 -9.82
N SER A 154 -5.57 0.23 -10.83
CA SER A 154 -6.27 0.64 -12.04
C SER A 154 -7.79 0.53 -11.98
N GLY A 155 -8.36 0.67 -10.79
CA GLY A 155 -9.80 0.59 -10.66
C GLY A 155 -10.45 1.95 -10.62
N VAL A 156 -9.67 2.96 -10.29
CA VAL A 156 -10.19 4.32 -10.28
C VAL A 156 -9.07 5.17 -10.82
N PHE A 157 -9.24 5.69 -12.04
CA PHE A 157 -8.21 6.58 -12.63
C PHE A 157 -8.72 7.69 -13.54
N VAL A 158 -8.09 8.86 -13.43
CA VAL A 158 -8.43 10.01 -14.24
C VAL A 158 -7.55 9.97 -15.49
N TYR A 159 -8.19 9.99 -16.65
CA TYR A 159 -7.45 9.94 -17.90
C TYR A 159 -8.07 10.86 -18.97
N GLN A 160 -7.40 10.93 -20.12
CA GLN A 160 -7.84 11.76 -21.22
C GLN A 160 -7.92 10.91 -22.48
N PRO A 161 -9.15 10.67 -23.00
CA PRO A 161 -9.33 9.86 -24.21
C PRO A 161 -8.50 10.38 -25.38
N SER A 162 -7.91 9.47 -26.13
CA SER A 162 -7.06 9.83 -27.26
C SER A 162 -6.72 8.58 -28.04
N VAL A 163 -6.91 8.63 -29.35
CA VAL A 163 -6.63 7.49 -30.23
C VAL A 163 -5.14 7.14 -30.23
N GLU A 164 -4.31 8.14 -29.96
CA GLU A 164 -2.86 7.97 -29.91
C GLU A 164 -2.52 7.17 -28.65
N THR A 165 -2.92 7.71 -27.49
CA THR A 165 -2.69 7.06 -26.20
C THR A 165 -3.20 5.62 -26.30
N TYR A 166 -4.36 5.46 -26.93
CA TYR A 166 -4.98 4.15 -27.12
C TYR A 166 -4.13 3.18 -27.95
N ASN A 167 -3.65 3.63 -29.10
CA ASN A 167 -2.82 2.79 -29.97
C ASN A 167 -1.47 2.46 -29.34
N GLN A 168 -1.02 3.33 -28.46
CA GLN A 168 0.25 3.13 -27.77
C GLN A 168 0.08 2.02 -26.73
N LEU A 169 -1.09 1.98 -26.09
CA LEU A 169 -1.40 0.98 -25.08
C LEU A 169 -1.53 -0.38 -25.76
N LEU A 170 -2.14 -0.33 -26.92
CA LEU A 170 -2.35 -1.51 -27.72
C LEU A 170 -1.00 -2.10 -28.17
N HIS A 171 -0.01 -1.22 -28.38
CA HIS A 171 1.31 -1.64 -28.79
C HIS A 171 2.04 -2.32 -27.61
N VAL A 172 2.12 -1.61 -26.48
CA VAL A 172 2.76 -2.10 -25.26
C VAL A 172 2.20 -3.48 -24.90
N ALA A 173 0.88 -3.60 -25.04
CA ALA A 173 0.16 -4.84 -24.77
C ALA A 173 0.67 -5.96 -25.66
N SER A 174 0.86 -5.64 -26.93
CA SER A 174 1.33 -6.62 -27.90
C SER A 174 2.80 -6.95 -27.68
N GLU A 175 3.61 -5.90 -27.61
CA GLU A 175 5.03 -6.04 -27.42
C GLU A 175 5.40 -6.85 -26.16
N GLN A 176 5.01 -6.36 -24.98
CA GLN A 176 5.37 -7.04 -23.73
C GLN A 176 4.25 -7.67 -22.87
N GLY A 177 2.99 -7.48 -23.26
CA GLY A 177 1.89 -8.05 -22.49
C GLY A 177 1.73 -7.38 -21.13
N SER A 178 1.28 -8.14 -20.14
CA SER A 178 1.08 -7.60 -18.79
C SER A 178 1.72 -8.48 -17.74
N PHE A 179 2.42 -7.86 -16.79
CA PHE A 179 3.10 -8.62 -15.74
C PHE A 179 2.14 -9.24 -14.72
N ASP A 180 0.86 -8.92 -14.85
CA ASP A 180 -0.13 -9.47 -13.93
C ASP A 180 -1.29 -10.17 -14.64
N GLY A 181 -1.19 -10.26 -15.96
CA GLY A 181 -2.22 -10.92 -16.75
C GLY A 181 -3.51 -10.15 -16.91
N GLY A 182 -3.51 -8.87 -16.55
CA GLY A 182 -4.69 -8.05 -16.68
C GLY A 182 -4.31 -6.62 -16.96
N ASP A 183 -5.29 -5.71 -16.91
CA ASP A 183 -5.01 -4.31 -17.20
C ASP A 183 -4.09 -3.57 -16.25
N GLN A 184 -4.19 -3.80 -14.96
CA GLN A 184 -3.34 -3.06 -14.01
C GLN A 184 -1.85 -3.19 -14.30
N GLY A 185 -1.42 -4.40 -14.67
CA GLY A 185 -0.02 -4.61 -14.97
C GLY A 185 0.35 -3.78 -16.19
N LEU A 186 -0.51 -3.84 -17.20
CA LEU A 186 -0.33 -3.10 -18.44
C LEU A 186 -0.29 -1.58 -18.24
N LEU A 187 -1.29 -1.02 -17.56
CA LEU A 187 -1.35 0.43 -17.33
C LEU A 187 -0.23 0.95 -16.45
N ASN A 188 0.33 0.10 -15.60
CA ASN A 188 1.43 0.52 -14.75
C ASN A 188 2.73 0.56 -15.57
N THR A 189 2.94 -0.45 -16.42
CA THR A 189 4.12 -0.54 -17.29
C THR A 189 4.21 0.70 -18.21
N PHE A 190 3.08 1.11 -18.77
CA PHE A 190 3.00 2.26 -19.66
C PHE A 190 3.20 3.58 -18.92
N PHE A 191 2.43 3.80 -17.85
CA PHE A 191 2.56 5.00 -17.03
C PHE A 191 3.52 4.74 -15.86
N ASN A 192 4.71 4.24 -16.17
CA ASN A 192 5.70 3.90 -15.14
C ASN A 192 6.30 5.03 -14.31
N SER A 193 5.97 6.27 -14.62
CA SER A 193 6.51 7.38 -13.86
C SER A 193 5.59 7.78 -12.71
N TRP A 194 4.43 7.11 -12.60
CA TRP A 194 3.47 7.44 -11.55
C TRP A 194 4.06 7.37 -10.13
N ALA A 195 4.92 6.39 -9.91
CA ALA A 195 5.56 6.16 -8.61
C ALA A 195 6.50 7.25 -8.15
N THR A 196 7.26 7.80 -9.09
CA THR A 196 8.26 8.82 -8.77
C THR A 196 8.05 10.25 -9.28
N THR A 197 7.10 10.47 -10.19
CA THR A 197 6.87 11.81 -10.73
C THR A 197 5.52 12.45 -10.44
N ASP A 198 5.58 13.63 -9.83
CA ASP A 198 4.42 14.45 -9.49
C ASP A 198 3.43 13.81 -8.54
N ILE A 199 3.36 14.36 -7.33
CA ILE A 199 2.48 13.88 -6.29
C ILE A 199 1.00 14.18 -6.59
N ARG A 200 0.72 15.13 -7.48
CA ARG A 200 -0.65 15.48 -7.82
C ARG A 200 -1.38 14.34 -8.55
N LYS A 201 -0.61 13.45 -9.15
CA LYS A 201 -1.17 12.30 -9.85
C LYS A 201 -1.45 11.12 -8.91
N HIS A 202 -1.07 11.27 -7.64
CA HIS A 202 -1.33 10.26 -6.62
C HIS A 202 -2.66 10.59 -5.93
N LEU A 203 -3.74 9.91 -6.34
CA LEU A 203 -5.04 10.13 -5.71
C LEU A 203 -4.99 9.60 -4.29
N PRO A 204 -5.64 10.28 -3.35
CA PRO A 204 -5.64 9.80 -1.96
C PRO A 204 -6.29 8.42 -1.90
N PHE A 205 -5.86 7.60 -0.94
CA PHE A 205 -6.39 6.26 -0.79
C PHE A 205 -7.92 6.22 -0.68
N ILE A 206 -8.50 7.19 0.03
CA ILE A 206 -9.97 7.23 0.19
C ILE A 206 -10.78 7.33 -1.12
N TYR A 207 -10.09 7.49 -2.24
CA TYR A 207 -10.76 7.56 -3.55
C TYR A 207 -10.74 6.20 -4.26
N ASN A 208 -10.22 5.18 -3.58
CA ASN A 208 -10.13 3.83 -4.14
C ASN A 208 -9.72 2.94 -2.97
N LEU A 209 -10.55 2.95 -1.95
CA LEU A 209 -10.35 2.18 -0.73
C LEU A 209 -10.62 0.70 -0.95
N SER A 210 -9.56 -0.10 -1.03
CA SER A 210 -9.68 -1.53 -1.25
C SER A 210 -10.21 -2.31 -0.02
N SER A 211 -11.47 -2.74 -0.11
CA SER A 211 -12.20 -3.45 0.95
C SER A 211 -11.50 -4.54 1.76
N ILE A 212 -10.51 -5.20 1.15
CA ILE A 212 -9.78 -6.28 1.83
C ILE A 212 -8.71 -5.74 2.77
N SER A 213 -8.21 -4.55 2.45
CA SER A 213 -7.16 -3.86 3.23
C SER A 213 -7.58 -3.48 4.67
N ILE A 214 -8.89 -3.34 4.87
CA ILE A 214 -9.51 -2.99 6.15
C ILE A 214 -8.97 -3.71 7.40
N TYR A 215 -8.22 -4.80 7.20
CA TYR A 215 -7.62 -5.56 8.31
C TYR A 215 -6.11 -5.74 8.28
N SER A 216 -5.44 -5.20 7.26
CA SER A 216 -3.98 -5.29 7.17
C SER A 216 -3.34 -4.29 8.15
N TYR A 217 -3.95 -3.11 8.24
CA TYR A 217 -3.51 -2.04 9.16
C TYR A 217 -4.80 -1.41 9.68
N LEU A 218 -5.56 -2.23 10.42
CA LEU A 218 -6.84 -1.82 10.99
C LEU A 218 -6.84 -0.47 11.70
N PRO A 219 -5.81 -0.19 12.52
CA PRO A 219 -5.75 1.09 13.23
C PRO A 219 -6.01 2.29 12.34
N ALA A 220 -5.38 2.28 11.16
CA ALA A 220 -5.52 3.34 10.18
C ALA A 220 -6.93 3.41 9.57
N PHE A 221 -7.61 2.26 9.48
CA PHE A 221 -8.97 2.27 8.95
C PHE A 221 -9.91 3.00 9.92
N LYS A 222 -9.70 2.81 11.23
CA LYS A 222 -10.53 3.47 12.25
C LYS A 222 -10.22 4.98 12.25
N ALA A 223 -8.97 5.31 12.00
CA ALA A 223 -8.53 6.70 11.99
C ALA A 223 -8.98 7.51 10.77
N PHE A 224 -8.96 6.89 9.59
CA PHE A 224 -9.34 7.58 8.35
C PHE A 224 -10.45 6.93 7.52
N GLY A 225 -10.86 5.72 7.90
CA GLY A 225 -11.88 5.00 7.16
C GLY A 225 -13.24 5.67 7.00
N ALA A 226 -13.57 6.60 7.88
CA ALA A 226 -14.86 7.29 7.82
C ALA A 226 -14.92 8.21 6.60
N ASN A 227 -13.77 8.74 6.22
CA ASN A 227 -13.63 9.66 5.09
C ASN A 227 -13.72 9.02 3.71
N ALA A 228 -13.95 7.71 3.71
CA ALA A 228 -14.06 6.92 2.50
C ALA A 228 -15.03 7.52 1.48
N LYS A 229 -14.52 7.76 0.27
CA LYS A 229 -15.32 8.32 -0.81
C LYS A 229 -15.71 7.25 -1.83
N VAL A 230 -14.84 6.24 -1.97
CA VAL A 230 -15.04 5.15 -2.92
C VAL A 230 -14.54 3.82 -2.37
N VAL A 231 -15.36 2.79 -2.48
CA VAL A 231 -15.00 1.45 -2.01
C VAL A 231 -14.82 0.54 -3.21
N HIS A 232 -13.68 -0.14 -3.28
CA HIS A 232 -13.41 -1.03 -4.39
C HIS A 232 -13.40 -2.44 -3.84
N PHE A 233 -14.31 -3.28 -4.32
CA PHE A 233 -14.39 -4.66 -3.85
C PHE A 233 -13.41 -5.54 -4.58
N LEU A 234 -12.16 -5.14 -4.48
CA LEU A 234 -11.01 -5.80 -5.07
C LEU A 234 -10.94 -7.29 -4.68
N GLY A 235 -10.38 -8.12 -5.56
CA GLY A 235 -10.24 -9.53 -5.23
C GLY A 235 -11.25 -10.50 -5.84
N GLN A 236 -11.05 -11.77 -5.53
CA GLN A 236 -11.87 -12.86 -6.04
C GLN A 236 -13.38 -12.75 -5.75
N THR A 237 -13.73 -12.40 -4.53
CA THR A 237 -15.14 -12.30 -4.16
C THR A 237 -15.77 -10.91 -4.29
N LYS A 238 -16.81 -10.84 -5.11
CA LYS A 238 -17.55 -9.63 -5.39
C LYS A 238 -18.86 -9.59 -4.61
N PRO A 239 -19.49 -8.40 -4.48
CA PRO A 239 -20.75 -8.23 -3.75
C PRO A 239 -21.89 -9.13 -4.21
N TRP A 240 -21.96 -9.40 -5.51
CA TRP A 240 -23.01 -10.25 -6.06
C TRP A 240 -22.76 -11.74 -5.88
N ASN A 241 -21.68 -12.09 -5.20
CA ASN A 241 -21.36 -13.50 -4.96
C ASN A 241 -21.90 -13.91 -3.59
N TYR A 242 -22.49 -12.95 -2.88
CA TYR A 242 -23.07 -13.19 -1.57
C TYR A 242 -24.59 -13.25 -1.70
N THR A 243 -25.28 -13.52 -0.59
CA THR A 243 -26.73 -13.55 -0.59
C THR A 243 -27.16 -12.55 0.44
N TYR A 244 -28.22 -11.79 0.13
CA TYR A 244 -28.69 -10.74 1.01
C TYR A 244 -30.06 -11.06 1.57
N ASP A 245 -30.16 -10.95 2.89
CA ASP A 245 -31.41 -11.20 3.60
C ASP A 245 -32.10 -9.84 3.66
N THR A 246 -33.11 -9.66 2.81
CA THR A 246 -33.89 -8.42 2.71
C THR A 246 -34.49 -7.98 4.05
N LYS A 247 -34.90 -8.96 4.85
CA LYS A 247 -35.50 -8.75 6.17
C LYS A 247 -34.52 -8.13 7.15
N THR A 248 -33.41 -8.83 7.39
CA THR A 248 -32.39 -8.37 8.32
C THR A 248 -31.60 -7.15 7.81
N LYS A 249 -31.66 -6.93 6.49
CA LYS A 249 -30.95 -5.83 5.82
C LYS A 249 -29.43 -5.95 5.96
N SER A 250 -28.95 -7.19 5.86
CA SER A 250 -27.52 -7.47 5.97
C SER A 250 -27.15 -8.71 5.16
N VAL A 251 -25.87 -8.77 4.76
CA VAL A 251 -25.35 -9.86 3.98
C VAL A 251 -25.38 -11.15 4.79
N ARG A 252 -25.81 -12.23 4.14
CA ARG A 252 -25.90 -13.53 4.78
C ARG A 252 -24.54 -14.19 4.95
N SER A 253 -24.22 -14.48 6.21
CA SER A 253 -22.97 -15.14 6.57
C SER A 253 -23.30 -16.43 7.33
N GLU A 254 -23.83 -17.40 6.58
CA GLU A 254 -24.20 -18.70 7.11
C GLU A 254 -23.30 -19.81 6.53
N GLY A 255 -23.16 -20.91 7.27
CA GLY A 255 -22.32 -22.01 6.79
C GLY A 255 -20.83 -21.75 6.94
N HIS A 256 -20.06 -22.21 5.95
CA HIS A 256 -18.61 -22.05 5.99
C HIS A 256 -18.07 -20.70 5.54
N ASP A 257 -18.96 -19.70 5.45
CA ASP A 257 -18.58 -18.34 5.06
C ASP A 257 -17.48 -17.78 5.99
N PRO A 258 -16.41 -17.17 5.42
CA PRO A 258 -15.30 -16.59 6.21
C PRO A 258 -15.75 -15.58 7.28
N PRO A 263 -18.25 -5.50 6.77
CA PRO A 263 -19.58 -5.96 6.36
C PRO A 263 -20.41 -4.77 5.91
N GLN A 264 -20.20 -3.66 6.61
CA GLN A 264 -20.88 -2.41 6.38
C GLN A 264 -20.91 -2.02 4.90
N PHE A 265 -19.80 -2.26 4.21
CA PHE A 265 -19.70 -1.92 2.79
C PHE A 265 -20.50 -2.84 1.88
N LEU A 266 -20.48 -4.13 2.17
CA LEU A 266 -21.24 -5.07 1.36
C LEU A 266 -22.71 -4.75 1.52
N ASN A 267 -23.06 -4.20 2.67
CA ASN A 267 -24.44 -3.83 2.98
C ASN A 267 -24.86 -2.58 2.24
N VAL A 268 -23.96 -1.62 2.17
CA VAL A 268 -24.26 -0.39 1.44
C VAL A 268 -24.49 -0.75 -0.03
N TRP A 269 -23.68 -1.69 -0.54
CA TRP A 269 -23.79 -2.13 -1.92
C TRP A 269 -25.15 -2.76 -2.18
N TRP A 270 -25.51 -3.73 -1.33
CA TRP A 270 -26.78 -4.45 -1.42
C TRP A 270 -27.99 -3.55 -1.14
N ASP A 271 -27.81 -2.56 -0.26
CA ASP A 271 -28.90 -1.65 0.03
C ASP A 271 -29.24 -0.91 -1.28
N ILE A 272 -28.23 -0.39 -1.96
CA ILE A 272 -28.42 0.31 -3.23
C ILE A 272 -28.97 -0.63 -4.30
N PHE A 273 -28.57 -1.88 -4.26
CA PHE A 273 -29.06 -2.84 -5.24
C PHE A 273 -30.53 -3.17 -5.02
N THR A 274 -30.87 -3.45 -3.77
CA THR A 274 -32.22 -3.83 -3.38
C THR A 274 -33.27 -2.71 -3.51
N THR A 275 -32.86 -1.48 -3.18
CA THR A 275 -33.75 -0.33 -3.26
C THR A 275 -33.84 0.29 -4.65
N SER A 276 -32.69 0.56 -5.27
CA SER A 276 -32.67 1.20 -6.59
C SER A 276 -32.62 0.31 -7.82
N VAL A 277 -31.84 -0.78 -7.76
CA VAL A 277 -31.68 -1.65 -8.92
C VAL A 277 -32.72 -2.75 -9.17
N VAL A 278 -33.13 -3.46 -8.11
CA VAL A 278 -34.13 -4.55 -8.24
C VAL A 278 -35.47 -4.11 -8.83
N PRO A 279 -36.04 -2.97 -8.38
CA PRO A 279 -37.33 -2.48 -8.90
C PRO A 279 -37.28 -2.35 -10.44
N LEU A 280 -36.21 -1.72 -10.92
CA LEU A 280 -35.97 -1.50 -12.33
C LEU A 280 -35.76 -2.85 -13.04
N LEU A 281 -34.91 -3.70 -12.46
CA LEU A 281 -34.59 -5.01 -13.03
C LEU A 281 -35.68 -6.03 -13.34
N GLN A 282 -35.37 -6.80 -14.39
CA GLN A 282 -36.18 -7.89 -14.84
C GLN A 282 -37.55 -7.46 -15.37
N MET B 21 33.00 9.70 6.74
CA MET B 21 31.65 10.31 6.88
C MET B 21 31.08 10.07 8.30
N THR B 22 31.78 10.59 9.30
CA THR B 22 31.39 10.45 10.72
C THR B 22 30.26 11.40 11.19
N ASP B 23 29.48 11.95 10.27
CA ASP B 23 28.38 12.85 10.62
C ASP B 23 27.01 12.26 10.27
N GLN B 24 27.02 11.22 9.44
CA GLN B 24 25.80 10.52 9.02
C GLN B 24 25.84 9.06 9.46
N ALA B 25 24.73 8.59 10.05
CA ALA B 25 24.62 7.21 10.53
C ALA B 25 23.26 6.56 10.34
N PHE B 26 23.22 5.24 10.58
CA PHE B 26 22.02 4.42 10.52
C PHE B 26 21.71 4.19 11.99
N VAL B 27 20.48 4.47 12.39
CA VAL B 27 20.11 4.29 13.78
C VAL B 27 19.01 3.24 13.96
N THR B 28 19.15 2.43 15.00
CA THR B 28 18.16 1.41 15.32
C THR B 28 17.87 1.39 16.82
N LEU B 29 16.97 0.50 17.23
CA LEU B 29 16.58 0.39 18.62
C LEU B 29 16.29 -1.06 19.01
N THR B 30 16.52 -1.35 20.28
CA THR B 30 16.24 -2.66 20.84
C THR B 30 16.14 -2.48 22.34
N THR B 31 15.00 -2.85 22.91
CA THR B 31 14.79 -2.72 24.34
C THR B 31 14.93 -4.06 25.10
N ASN B 32 15.26 -5.13 24.37
CA ASN B 32 15.43 -6.45 24.98
C ASN B 32 16.38 -7.32 24.16
N ASP B 33 16.56 -8.56 24.59
CA ASP B 33 17.47 -9.48 23.91
C ASP B 33 16.94 -9.98 22.58
N ALA B 34 15.62 -10.08 22.46
CA ALA B 34 14.98 -10.53 21.24
C ALA B 34 15.34 -9.62 20.07
N TYR B 35 14.92 -8.36 20.15
CA TYR B 35 15.20 -7.39 19.09
C TYR B 35 16.70 -7.14 18.94
N ALA B 36 17.48 -7.46 19.97
CA ALA B 36 18.92 -7.29 19.91
C ALA B 36 19.49 -8.20 18.83
N LYS B 37 18.95 -9.42 18.74
CA LYS B 37 19.38 -10.38 17.72
C LYS B 37 19.16 -9.68 16.39
N GLY B 38 17.94 -9.16 16.21
CA GLY B 38 17.59 -8.44 14.99
C GLY B 38 18.53 -7.28 14.67
N ALA B 39 18.85 -6.47 15.69
CA ALA B 39 19.75 -5.34 15.50
C ALA B 39 21.13 -5.84 15.06
N LEU B 40 21.61 -6.91 15.69
CA LEU B 40 22.88 -7.51 15.37
C LEU B 40 22.89 -7.99 13.92
N VAL B 41 21.79 -8.56 13.47
CA VAL B 41 21.67 -9.05 12.09
C VAL B 41 21.65 -7.86 11.13
N LEU B 42 20.91 -6.82 11.51
CA LEU B 42 20.80 -5.61 10.72
C LEU B 42 22.19 -5.01 10.57
N GLY B 43 22.82 -4.75 11.73
CA GLY B 43 24.15 -4.17 11.71
C GLY B 43 25.12 -4.92 10.80
N SER B 44 25.14 -6.25 10.92
CA SER B 44 26.02 -7.08 10.11
C SER B 44 25.77 -6.94 8.64
N SER B 45 24.50 -6.82 8.24
CA SER B 45 24.15 -6.66 6.84
C SER B 45 24.47 -5.25 6.32
N LEU B 46 24.52 -4.27 7.21
CA LEU B 46 24.85 -2.91 6.82
C LEU B 46 26.34 -2.83 6.48
N LYS B 47 27.15 -3.55 7.27
CA LYS B 47 28.59 -3.63 7.05
C LYS B 47 28.85 -4.51 5.84
N GLN B 48 28.15 -5.64 5.77
CA GLN B 48 28.29 -6.61 4.69
C GLN B 48 28.07 -5.98 3.32
N HIS B 49 27.34 -4.87 3.28
CA HIS B 49 27.10 -4.20 2.02
C HIS B 49 27.82 -2.85 1.95
N ARG B 50 28.97 -2.82 2.61
CA ARG B 50 29.91 -1.69 2.65
C ARG B 50 29.34 -0.29 2.85
N THR B 51 28.75 -0.02 4.00
CA THR B 51 28.21 1.30 4.26
C THR B 51 29.35 2.21 4.71
N SER B 52 29.37 3.42 4.19
CA SER B 52 30.41 4.39 4.54
C SER B 52 29.99 5.27 5.71
N ARG B 53 28.74 5.13 6.11
CA ARG B 53 28.23 5.91 7.23
C ARG B 53 28.43 5.14 8.52
N ARG B 54 28.06 5.74 9.64
CA ARG B 54 28.20 5.12 10.95
C ARG B 54 27.01 4.20 11.24
N LEU B 55 27.12 3.41 12.30
CA LEU B 55 26.07 2.51 12.73
C LEU B 55 25.85 2.80 14.19
N ALA B 56 24.68 3.31 14.53
CA ALA B 56 24.35 3.64 15.92
C ALA B 56 23.12 2.88 16.43
N VAL B 57 23.11 2.52 17.70
CA VAL B 57 21.95 1.80 18.26
C VAL B 57 21.49 2.27 19.64
N LEU B 58 20.19 2.50 19.80
CA LEU B 58 19.64 2.90 21.10
C LEU B 58 19.25 1.61 21.81
N THR B 59 19.65 1.47 23.08
CA THR B 59 19.31 0.28 23.88
C THR B 59 18.80 0.74 25.23
N THR B 60 18.27 -0.19 26.02
CA THR B 60 17.76 0.14 27.35
C THR B 60 18.45 -0.75 28.39
N PRO B 61 18.30 -0.41 29.69
CA PRO B 61 18.91 -1.20 30.78
C PRO B 61 18.39 -2.63 30.84
N GLN B 62 17.29 -2.87 30.14
CA GLN B 62 16.67 -4.19 30.09
C GLN B 62 17.46 -5.17 29.19
N VAL B 63 18.35 -4.62 28.35
CA VAL B 63 19.20 -5.41 27.45
C VAL B 63 20.34 -6.04 28.25
N SER B 64 20.54 -7.35 28.11
CA SER B 64 21.61 -8.04 28.86
C SER B 64 23.03 -7.54 28.59
N ASP B 65 23.92 -7.80 29.54
CA ASP B 65 25.32 -7.39 29.47
C ASP B 65 26.09 -8.10 28.36
N THR B 66 25.62 -9.28 27.98
CA THR B 66 26.24 -10.05 26.92
C THR B 66 25.81 -9.46 25.58
N MET B 67 24.50 -9.23 25.42
CA MET B 67 23.95 -8.64 24.20
C MET B 67 24.47 -7.23 23.99
N ARG B 68 24.72 -6.53 25.09
CA ARG B 68 25.24 -5.17 25.04
C ARG B 68 26.63 -5.19 24.41
N LYS B 69 27.48 -6.10 24.88
CA LYS B 69 28.85 -6.24 24.37
C LYS B 69 28.88 -6.64 22.91
N ALA B 70 27.97 -7.54 22.54
CA ALA B 70 27.87 -7.99 21.15
C ALA B 70 27.55 -6.79 20.26
N LEU B 71 26.68 -5.93 20.77
CA LEU B 71 26.27 -4.72 20.05
C LEU B 71 27.44 -3.74 19.92
N GLU B 72 28.26 -3.64 20.97
CA GLU B 72 29.42 -2.73 20.95
C GLU B 72 30.45 -3.14 19.93
N ILE B 73 30.43 -4.42 19.55
CA ILE B 73 31.34 -4.94 18.55
C ILE B 73 30.82 -4.56 17.16
N VAL B 74 29.53 -4.83 16.92
CA VAL B 74 28.95 -4.53 15.63
C VAL B 74 28.73 -3.05 15.40
N PHE B 75 28.10 -2.39 16.35
CA PHE B 75 27.82 -0.96 16.22
C PHE B 75 28.97 -0.03 16.56
N ASP B 76 29.05 1.07 15.82
CA ASP B 76 30.08 2.07 16.04
C ASP B 76 29.82 2.82 17.34
N GLU B 77 28.55 3.01 17.70
CA GLU B 77 28.17 3.71 18.92
C GLU B 77 26.89 3.13 19.53
N VAL B 78 26.95 2.82 20.81
CA VAL B 78 25.81 2.26 21.53
C VAL B 78 25.35 3.25 22.59
N ILE B 79 24.13 3.75 22.44
CA ILE B 79 23.57 4.73 23.37
C ILE B 79 22.50 4.15 24.28
N THR B 80 22.71 4.28 25.59
CA THR B 80 21.75 3.79 26.56
C THR B 80 20.70 4.86 26.80
N VAL B 81 19.44 4.44 26.84
CA VAL B 81 18.33 5.35 27.08
C VAL B 81 17.45 4.69 28.11
N ASP B 82 17.24 5.37 29.22
CA ASP B 82 16.40 4.86 30.29
C ASP B 82 15.30 5.86 30.54
N ILE B 83 14.07 5.57 30.09
CA ILE B 83 12.95 6.47 30.30
C ILE B 83 12.17 6.18 31.60
N LEU B 84 12.64 5.20 32.37
CA LEU B 84 12.00 4.88 33.65
C LEU B 84 12.66 5.75 34.71
N ASP B 85 13.71 6.46 34.29
CA ASP B 85 14.47 7.37 35.14
C ASP B 85 13.91 8.79 35.00
N SER B 86 13.59 9.40 36.15
CA SER B 86 13.04 10.74 36.21
C SER B 86 13.86 11.83 35.50
N GLY B 87 15.13 11.54 35.24
CA GLY B 87 15.99 12.49 34.58
C GLY B 87 15.76 12.59 33.09
N ASP B 88 15.37 11.48 32.46
CA ASP B 88 15.13 11.43 31.02
C ASP B 88 14.05 12.41 30.56
N SER B 89 14.35 13.13 29.48
CA SER B 89 13.43 14.11 28.92
C SER B 89 12.02 13.60 28.66
N ALA B 90 11.90 12.37 28.19
CA ALA B 90 10.59 11.81 27.89
C ALA B 90 9.91 11.11 29.06
N HIS B 91 10.47 11.23 30.27
CA HIS B 91 9.90 10.55 31.43
C HIS B 91 8.49 10.93 31.88
N LEU B 92 8.19 12.23 31.93
CA LEU B 92 6.84 12.66 32.36
C LEU B 92 5.74 12.32 31.38
N THR B 93 6.09 12.22 30.10
CA THR B 93 5.14 11.87 29.03
C THR B 93 4.71 10.41 29.16
N LEU B 94 5.63 9.57 29.64
CA LEU B 94 5.37 8.15 29.86
C LEU B 94 4.37 7.91 30.98
N MET B 95 4.31 8.85 31.93
CA MET B 95 3.38 8.73 33.06
C MET B 95 1.95 8.98 32.60
N LYS B 96 1.81 9.89 31.64
CA LYS B 96 0.51 10.24 31.06
C LYS B 96 0.04 9.17 30.06
N ARG B 97 1.00 8.58 29.34
CA ARG B 97 0.73 7.54 28.35
C ARG B 97 1.60 6.31 28.68
N PRO B 98 1.22 5.53 29.72
CA PRO B 98 1.96 4.33 30.16
C PRO B 98 2.19 3.27 29.09
N GLU B 99 1.42 3.37 28.00
CA GLU B 99 1.51 2.41 26.90
C GLU B 99 2.55 2.75 25.84
N LEU B 100 2.99 4.02 25.80
CA LEU B 100 3.95 4.47 24.80
C LEU B 100 5.44 4.32 25.12
N GLY B 101 5.78 3.45 26.06
CA GLY B 101 7.18 3.27 26.42
C GLY B 101 8.19 3.08 25.29
N VAL B 102 8.00 2.04 24.47
CA VAL B 102 8.89 1.74 23.35
C VAL B 102 8.87 2.87 22.33
N THR B 103 7.68 3.43 22.10
CA THR B 103 7.53 4.52 21.17
C THR B 103 8.40 5.72 21.57
N LEU B 104 8.37 6.08 22.86
CA LEU B 104 9.14 7.21 23.37
C LEU B 104 10.66 6.96 23.35
N THR B 105 11.06 5.70 23.56
CA THR B 105 12.45 5.35 23.54
C THR B 105 12.97 5.48 22.10
N LYS B 106 12.09 5.23 21.13
CA LYS B 106 12.44 5.30 19.72
C LYS B 106 12.63 6.72 19.21
N LEU B 107 11.79 7.64 19.67
CA LEU B 107 11.88 9.03 19.24
C LEU B 107 13.21 9.67 19.63
N HIS B 108 13.95 9.02 20.53
CA HIS B 108 15.22 9.53 20.96
C HIS B 108 16.26 9.55 19.85
N CYS B 109 15.91 9.00 18.70
CA CYS B 109 16.82 8.99 17.56
C CYS B 109 17.03 10.43 17.08
N TRP B 110 16.07 11.31 17.41
CA TRP B 110 16.13 12.72 17.06
C TRP B 110 17.06 13.48 18.04
N SER B 111 17.33 12.87 19.19
CA SER B 111 18.18 13.44 20.24
C SER B 111 19.63 13.24 19.90
N LEU B 112 19.89 12.48 18.84
CA LEU B 112 21.25 12.16 18.41
C LEU B 112 21.87 13.28 17.57
N THR B 113 22.01 14.44 18.20
CA THR B 113 22.56 15.64 17.55
C THR B 113 24.01 15.56 17.10
N GLN B 114 24.71 14.53 17.55
CA GLN B 114 26.10 14.33 17.14
C GLN B 114 26.13 13.95 15.67
N TYR B 115 24.95 13.60 15.13
CA TYR B 115 24.76 13.22 13.73
C TYR B 115 23.88 14.27 13.07
N SER B 116 24.21 14.61 11.82
CA SER B 116 23.46 15.59 11.04
C SER B 116 22.26 14.93 10.35
N LYS B 117 22.55 13.89 9.57
CA LYS B 117 21.50 13.15 8.88
C LYS B 117 21.53 11.68 9.34
N CYS B 118 20.35 11.10 9.53
CA CYS B 118 20.24 9.72 9.96
C CYS B 118 19.12 9.00 9.24
N VAL B 119 19.24 7.69 9.22
CA VAL B 119 18.24 6.82 8.63
C VAL B 119 17.87 5.86 9.73
N PHE B 120 16.72 6.05 10.36
CA PHE B 120 16.32 5.12 11.39
C PHE B 120 15.83 3.84 10.72
N MET B 121 16.18 2.69 11.31
CA MET B 121 15.78 1.39 10.77
C MET B 121 15.36 0.48 11.90
N ASP B 122 14.14 -0.07 11.77
CA ASP B 122 13.63 -0.98 12.78
C ASP B 122 14.57 -2.18 12.94
N ALA B 123 14.68 -2.66 14.17
CA ALA B 123 15.52 -3.81 14.48
C ALA B 123 15.08 -5.07 13.74
N ASP B 124 13.85 -5.08 13.20
CA ASP B 124 13.36 -6.22 12.44
C ASP B 124 13.47 -6.05 10.92
N THR B 125 14.55 -5.42 10.49
CA THR B 125 14.78 -5.22 9.05
C THR B 125 16.12 -5.87 8.70
N LEU B 126 16.34 -5.98 7.41
CA LEU B 126 17.55 -6.58 6.90
C LEU B 126 17.86 -5.89 5.58
N VAL B 127 19.14 -5.56 5.39
CA VAL B 127 19.65 -4.88 4.20
C VAL B 127 20.16 -5.90 3.20
N LEU B 128 19.80 -5.75 1.92
CA LEU B 128 20.24 -6.71 0.89
C LEU B 128 21.12 -6.11 -0.20
N ALA B 129 21.26 -4.79 -0.16
CA ALA B 129 22.06 -4.07 -1.14
C ALA B 129 22.43 -2.74 -0.48
N ASN B 130 23.51 -2.09 -0.95
CA ASN B 130 23.91 -0.82 -0.34
C ASN B 130 22.82 0.24 -0.51
N ILE B 131 22.46 0.88 0.60
CA ILE B 131 21.41 1.90 0.57
C ILE B 131 21.89 3.23 1.09
N ASP B 132 23.18 3.51 0.91
CA ASP B 132 23.77 4.77 1.36
C ASP B 132 23.20 5.96 0.63
N ASP B 133 22.63 5.71 -0.55
CA ASP B 133 22.03 6.77 -1.35
C ASP B 133 20.76 7.33 -0.71
N LEU B 134 20.29 6.70 0.36
CA LEU B 134 19.11 7.17 1.08
C LEU B 134 19.45 8.50 1.72
N PHE B 135 20.74 8.74 1.87
CA PHE B 135 21.22 9.95 2.50
C PHE B 135 21.05 11.25 1.69
N GLU B 136 20.56 11.11 0.46
CA GLU B 136 20.31 12.25 -0.42
C GLU B 136 18.92 12.87 -0.14
N ARG B 137 18.08 12.10 0.56
CA ARG B 137 16.71 12.52 0.90
C ARG B 137 16.72 13.49 2.08
N GLU B 138 15.61 14.19 2.30
CA GLU B 138 15.54 15.13 3.43
C GLU B 138 14.38 14.76 4.34
N GLU B 139 14.46 15.14 5.60
CA GLU B 139 13.41 14.87 6.57
C GLU B 139 12.04 15.39 6.13
N LEU B 140 11.02 14.53 6.10
CA LEU B 140 11.12 13.11 6.46
C LEU B 140 10.77 12.23 5.29
N SER B 141 11.69 11.34 4.93
CA SER B 141 11.47 10.43 3.82
C SER B 141 11.19 9.03 4.33
N ALA B 142 10.09 8.44 3.85
CA ALA B 142 9.65 7.11 4.23
C ALA B 142 8.90 6.45 3.08
N ALA B 143 8.86 5.12 3.05
CA ALA B 143 8.14 4.39 2.00
C ALA B 143 6.67 4.18 2.41
N PRO B 144 5.77 3.97 1.44
CA PRO B 144 4.36 3.76 1.77
C PRO B 144 4.17 2.48 2.58
N ASP B 145 3.13 2.46 3.40
CA ASP B 145 2.81 1.30 4.21
C ASP B 145 1.68 0.57 3.51
N PRO B 146 1.85 -0.74 3.20
CA PRO B 146 0.82 -1.55 2.53
C PRO B 146 -0.41 -1.67 3.45
N GLY B 147 -1.60 -1.77 2.90
CA GLY B 147 -2.73 -1.83 3.82
C GLY B 147 -3.28 -0.43 3.85
N TRP B 148 -2.48 0.56 4.26
CA TRP B 148 -2.93 1.96 4.21
C TRP B 148 -1.77 2.79 3.61
N PRO B 149 -1.68 2.81 2.27
CA PRO B 149 -0.62 3.53 1.54
C PRO B 149 -0.49 5.03 1.72
N ASP B 150 -1.48 5.67 2.33
CA ASP B 150 -1.37 7.11 2.56
C ASP B 150 -0.62 7.41 3.84
N CYS B 151 -0.29 6.35 4.59
CA CYS B 151 0.52 6.45 5.79
C CYS B 151 1.85 5.86 5.33
N PHE B 152 2.96 6.40 5.82
CA PHE B 152 4.27 5.86 5.48
C PHE B 152 4.61 4.89 6.60
N ASN B 153 5.45 3.90 6.29
CA ASN B 153 5.87 2.93 7.29
C ASN B 153 7.06 3.52 8.00
N SER B 154 6.96 3.60 9.32
CA SER B 154 8.03 4.18 10.12
C SER B 154 9.18 3.24 10.44
N GLY B 155 9.36 2.20 9.64
CA GLY B 155 10.43 1.27 9.92
C GLY B 155 11.71 1.64 9.22
N VAL B 156 11.61 2.51 8.23
CA VAL B 156 12.77 2.96 7.49
C VAL B 156 12.48 4.39 7.12
N PHE B 157 13.19 5.32 7.76
CA PHE B 157 13.00 6.73 7.45
C PHE B 157 14.23 7.62 7.61
N VAL B 158 14.40 8.55 6.65
CA VAL B 158 15.49 9.50 6.66
C VAL B 158 15.03 10.72 7.46
N TYR B 159 15.79 11.10 8.47
CA TYR B 159 15.45 12.25 9.30
C TYR B 159 16.68 13.10 9.70
N GLN B 160 16.41 14.18 10.42
CA GLN B 160 17.45 15.09 10.89
C GLN B 160 17.30 15.30 12.40
N PRO B 161 18.28 14.82 13.18
CA PRO B 161 18.24 14.97 14.63
C PRO B 161 18.12 16.44 15.02
N SER B 162 17.29 16.71 16.03
CA SER B 162 17.06 18.08 16.47
C SER B 162 16.25 18.04 17.77
N VAL B 163 16.73 18.75 18.79
CA VAL B 163 16.05 18.79 20.09
C VAL B 163 14.68 19.43 19.97
N GLU B 164 14.53 20.30 18.97
CA GLU B 164 13.27 20.98 18.72
C GLU B 164 12.27 19.98 18.16
N THR B 165 12.63 19.36 17.03
CA THR B 165 11.80 18.34 16.40
C THR B 165 11.42 17.30 17.47
N TYR B 166 12.40 16.94 18.30
CA TYR B 166 12.20 15.96 19.37
C TYR B 166 11.16 16.39 20.39
N ASN B 167 11.28 17.62 20.90
CA ASN B 167 10.33 18.13 21.89
C ASN B 167 8.94 18.34 21.32
N GLN B 168 8.87 18.55 20.02
CA GLN B 168 7.60 18.72 19.35
C GLN B 168 6.89 17.38 19.25
N LEU B 169 7.66 16.31 19.03
CA LEU B 169 7.12 14.96 18.94
C LEU B 169 6.63 14.52 20.29
N LEU B 170 7.36 14.93 21.31
CA LEU B 170 7.04 14.60 22.68
C LEU B 170 5.73 15.30 23.09
N HIS B 171 5.48 16.45 22.48
CA HIS B 171 4.27 17.20 22.77
C HIS B 171 3.05 16.53 22.12
N VAL B 172 3.16 16.26 20.82
CA VAL B 172 2.09 15.62 20.04
C VAL B 172 1.69 14.31 20.70
N ALA B 173 2.71 13.60 21.18
CA ALA B 173 2.54 12.33 21.87
C ALA B 173 1.70 12.52 23.11
N SER B 174 2.00 13.58 23.86
CA SER B 174 1.28 13.87 25.10
C SER B 174 -0.12 14.39 24.81
N GLU B 175 -0.19 15.38 23.92
CA GLU B 175 -1.45 15.99 23.56
C GLU B 175 -2.47 14.98 22.99
N GLN B 176 -2.12 14.31 21.89
CA GLN B 176 -3.06 13.38 21.25
C GLN B 176 -2.75 11.89 21.23
N GLY B 177 -1.56 11.50 21.70
CA GLY B 177 -1.18 10.09 21.69
C GLY B 177 -0.97 9.57 20.28
N SER B 178 -1.21 8.28 20.08
CA SER B 178 -1.04 7.68 18.75
C SER B 178 -2.27 6.88 18.34
N PHE B 179 -2.72 7.09 17.09
CA PHE B 179 -3.90 6.40 16.61
C PHE B 179 -3.72 4.90 16.42
N ASP B 180 -2.48 4.42 16.58
CA ASP B 180 -2.21 3.00 16.43
C ASP B 180 -1.52 2.37 17.64
N GLY B 181 -1.34 3.15 18.70
CA GLY B 181 -0.72 2.65 19.91
C GLY B 181 0.78 2.50 19.85
N GLY B 182 1.40 2.97 18.77
CA GLY B 182 2.85 2.86 18.64
C GLY B 182 3.40 4.08 17.93
N ASP B 183 4.67 4.03 17.54
CA ASP B 183 5.30 5.16 16.86
C ASP B 183 4.77 5.55 15.50
N GLN B 184 4.48 4.58 14.62
CA GLN B 184 4.00 4.89 13.27
C GLN B 184 2.80 5.83 13.26
N GLY B 185 1.86 5.59 14.17
CA GLY B 185 0.70 6.45 14.25
C GLY B 185 1.11 7.86 14.60
N LEU B 186 2.01 7.98 15.57
CA LEU B 186 2.53 9.26 16.04
C LEU B 186 3.32 10.00 14.95
N LEU B 187 4.28 9.32 14.34
CA LEU B 187 5.11 9.93 13.30
C LEU B 187 4.30 10.35 12.09
N ASN B 188 3.17 9.69 11.85
CA ASN B 188 2.34 10.03 10.71
C ASN B 188 1.49 11.28 11.02
N THR B 189 0.97 11.36 12.24
CA THR B 189 0.17 12.50 12.70
C THR B 189 0.99 13.80 12.65
N PHE B 190 2.26 13.72 13.05
CA PHE B 190 3.16 14.87 13.05
C PHE B 190 3.58 15.26 11.63
N PHE B 191 4.07 14.30 10.86
CA PHE B 191 4.47 14.56 9.48
C PHE B 191 3.31 14.22 8.55
N ASN B 192 2.13 14.82 8.81
CA ASN B 192 0.93 14.55 8.03
C ASN B 192 0.88 15.02 6.59
N SER B 193 1.91 15.72 6.15
CA SER B 193 1.94 16.20 4.78
C SER B 193 2.69 15.23 3.86
N TRP B 194 3.14 14.11 4.41
CA TRP B 194 3.89 13.12 3.63
C TRP B 194 3.09 12.57 2.44
N ALA B 195 1.80 12.35 2.66
CA ALA B 195 0.91 11.80 1.66
C ALA B 195 0.68 12.67 0.44
N THR B 196 0.55 13.96 0.67
CA THR B 196 0.26 14.91 -0.39
C THR B 196 1.36 15.87 -0.85
N THR B 197 2.41 16.06 -0.05
CA THR B 197 3.47 17.00 -0.40
C THR B 197 4.84 16.44 -0.72
N ASP B 198 5.31 16.78 -1.92
CA ASP B 198 6.63 16.40 -2.43
C ASP B 198 6.88 14.90 -2.56
N ILE B 199 6.94 14.45 -3.80
CA ILE B 199 7.19 13.05 -4.11
C ILE B 199 8.59 12.57 -3.74
N ARG B 200 9.51 13.51 -3.54
CA ARG B 200 10.89 13.12 -3.18
C ARG B 200 10.99 12.50 -1.78
N LYS B 201 10.01 12.79 -0.94
CA LYS B 201 9.97 12.24 0.40
C LYS B 201 9.30 10.85 0.45
N HIS B 202 8.88 10.36 -0.71
CA HIS B 202 8.26 9.05 -0.84
C HIS B 202 9.33 8.04 -1.26
N LEU B 203 9.89 7.31 -0.30
CA LEU B 203 10.92 6.31 -0.62
C LEU B 203 10.28 5.19 -1.43
N PRO B 204 10.99 4.66 -2.44
CA PRO B 204 10.43 3.56 -3.24
C PRO B 204 10.16 2.39 -2.30
N PHE B 205 9.17 1.57 -2.64
CA PHE B 205 8.79 0.45 -1.81
C PHE B 205 9.94 -0.51 -1.51
N ILE B 206 10.81 -0.74 -2.50
CA ILE B 206 11.96 -1.65 -2.33
C ILE B 206 12.96 -1.24 -1.23
N TYR B 207 12.76 -0.08 -0.62
CA TYR B 207 13.62 0.37 0.48
C TYR B 207 12.99 0.02 1.83
N ASN B 208 11.84 -0.63 1.80
CA ASN B 208 11.13 -1.02 3.00
C ASN B 208 10.04 -1.99 2.57
N LEU B 209 10.49 -3.08 1.98
CA LEU B 209 9.63 -4.13 1.47
C LEU B 209 9.09 -4.99 2.61
N SER B 210 7.80 -4.81 2.91
CA SER B 210 7.14 -5.55 3.98
C SER B 210 6.85 -7.01 3.62
N SER B 211 7.63 -7.91 4.23
CA SER B 211 7.58 -9.36 4.03
C SER B 211 6.24 -10.08 3.94
N ILE B 212 5.21 -9.51 4.56
CA ILE B 212 3.88 -10.12 4.53
C ILE B 212 3.11 -9.78 3.25
N SER B 213 3.47 -8.64 2.64
CA SER B 213 2.86 -8.15 1.40
C SER B 213 3.12 -9.04 0.17
N ILE B 214 4.21 -9.82 0.23
CA ILE B 214 4.64 -10.74 -0.84
C ILE B 214 3.48 -11.54 -1.50
N TYR B 215 2.36 -11.70 -0.80
CA TYR B 215 1.19 -12.43 -1.32
C TYR B 215 -0.13 -11.67 -1.53
N SER B 216 -0.13 -10.37 -1.24
CA SER B 216 -1.34 -9.56 -1.42
C SER B 216 -1.50 -9.20 -2.91
N TYR B 217 -0.38 -8.95 -3.59
CA TYR B 217 -0.33 -8.65 -5.02
C TYR B 217 0.94 -9.33 -5.52
N LEU B 218 0.93 -10.67 -5.43
CA LEU B 218 2.04 -11.50 -5.83
C LEU B 218 2.66 -11.18 -7.19
N PRO B 219 1.84 -10.94 -8.22
CA PRO B 219 2.35 -10.62 -9.55
C PRO B 219 3.41 -9.53 -9.52
N ALA B 220 3.15 -8.48 -8.76
CA ALA B 220 4.07 -7.36 -8.60
C ALA B 220 5.36 -7.76 -7.89
N PHE B 221 5.29 -8.73 -6.99
CA PHE B 221 6.49 -9.17 -6.29
C PHE B 221 7.45 -9.88 -7.25
N LYS B 222 6.90 -10.64 -8.20
CA LYS B 222 7.70 -11.35 -9.20
C LYS B 222 8.31 -10.33 -10.17
N ALA B 223 7.53 -9.30 -10.47
CA ALA B 223 7.96 -8.26 -11.38
C ALA B 223 9.04 -7.32 -10.83
N PHE B 224 8.93 -6.95 -9.55
CA PHE B 224 9.88 -6.03 -8.95
C PHE B 224 10.59 -6.52 -7.68
N GLY B 225 10.14 -7.66 -7.15
CA GLY B 225 10.72 -8.22 -5.93
C GLY B 225 12.21 -8.51 -5.90
N ALA B 226 12.83 -8.67 -7.07
CA ALA B 226 14.26 -8.96 -7.13
C ALA B 226 15.10 -7.73 -6.77
N ASN B 227 14.54 -6.55 -7.06
CA ASN B 227 15.19 -5.26 -6.80
C ASN B 227 15.22 -4.86 -5.33
N ALA B 228 14.64 -5.69 -4.48
CA ALA B 228 14.56 -5.47 -3.06
C ALA B 228 15.90 -5.08 -2.45
N LYS B 229 15.91 -3.94 -1.75
CA LYS B 229 17.11 -3.43 -1.10
C LYS B 229 17.03 -3.62 0.43
N VAL B 230 15.82 -3.61 0.96
CA VAL B 230 15.57 -3.76 2.39
C VAL B 230 14.29 -4.55 2.66
N VAL B 231 14.39 -5.55 3.53
CA VAL B 231 13.25 -6.36 3.90
C VAL B 231 12.84 -6.08 5.34
N HIS B 232 11.58 -5.73 5.54
CA HIS B 232 11.08 -5.43 6.88
C HIS B 232 10.15 -6.58 7.29
N PHE B 233 10.50 -7.27 8.37
CA PHE B 233 9.71 -8.38 8.89
C PHE B 233 8.58 -7.88 9.77
N LEU B 234 7.79 -7.00 9.18
CA LEU B 234 6.65 -6.36 9.80
C LEU B 234 5.65 -7.40 10.41
N GLY B 235 4.95 -7.02 11.47
CA GLY B 235 3.96 -7.92 12.06
C GLY B 235 4.36 -8.70 13.30
N GLN B 236 3.41 -9.51 13.80
CA GLN B 236 3.59 -10.32 15.02
C GLN B 236 4.81 -11.22 15.04
N THR B 237 5.00 -11.99 13.97
CA THR B 237 6.11 -12.93 13.90
C THR B 237 7.40 -12.39 13.30
N LYS B 238 8.45 -12.47 14.12
CA LYS B 238 9.79 -12.02 13.77
C LYS B 238 10.68 -13.22 13.43
N PRO B 239 11.80 -12.97 12.73
CA PRO B 239 12.74 -14.03 12.33
C PRO B 239 13.24 -14.91 13.47
N TRP B 240 13.44 -14.31 14.64
CA TRP B 240 13.92 -15.02 15.82
C TRP B 240 12.85 -15.82 16.54
N ASN B 241 11.65 -15.85 15.99
CA ASN B 241 10.55 -16.61 16.60
C ASN B 241 10.46 -17.98 15.92
N TYR B 242 11.31 -18.20 14.92
CA TYR B 242 11.35 -19.45 14.18
C TYR B 242 12.55 -20.26 14.65
N THR B 243 12.71 -21.46 14.10
CA THR B 243 13.87 -22.30 14.43
C THR B 243 14.56 -22.57 13.11
N TYR B 244 15.89 -22.59 13.14
CA TYR B 244 16.67 -22.80 11.93
C TYR B 244 17.46 -24.08 12.01
N ASP B 245 17.34 -24.87 10.96
CA ASP B 245 18.05 -26.14 10.84
C ASP B 245 19.34 -25.79 10.11
N THR B 246 20.43 -25.74 10.87
CA THR B 246 21.77 -25.42 10.36
C THR B 246 22.19 -26.33 9.19
N LYS B 247 21.78 -27.59 9.27
CA LYS B 247 22.09 -28.60 8.26
C LYS B 247 21.44 -28.29 6.90
N THR B 248 20.11 -28.23 6.90
CA THR B 248 19.36 -27.95 5.68
C THR B 248 19.51 -26.51 5.19
N LYS B 249 19.96 -25.62 6.08
CA LYS B 249 20.16 -24.20 5.79
C LYS B 249 18.86 -23.49 5.41
N SER B 250 17.78 -23.84 6.12
CA SER B 250 16.46 -23.26 5.91
C SER B 250 15.65 -23.28 7.20
N VAL B 251 14.69 -22.37 7.29
CA VAL B 251 13.83 -22.27 8.46
C VAL B 251 12.95 -23.49 8.59
N ARG B 252 12.83 -23.94 9.83
CA ARG B 252 12.04 -25.11 10.22
C ARG B 252 10.55 -24.81 10.14
N SER B 253 9.86 -25.54 9.27
CA SER B 253 8.42 -25.41 9.10
C SER B 253 7.78 -26.77 9.37
N GLU B 254 7.83 -27.17 10.64
CA GLU B 254 7.28 -28.44 11.10
C GLU B 254 6.05 -28.20 12.01
N GLY B 255 5.17 -29.19 12.09
CA GLY B 255 3.99 -29.07 12.93
C GLY B 255 2.90 -28.18 12.36
N HIS B 256 2.25 -27.40 13.21
CA HIS B 256 1.17 -26.53 12.77
C HIS B 256 1.60 -25.18 12.18
N ASP B 257 2.89 -25.07 11.82
CA ASP B 257 3.45 -23.86 11.23
C ASP B 257 2.70 -23.48 9.94
N PRO B 258 2.32 -22.18 9.80
CA PRO B 258 1.60 -21.76 8.58
C PRO B 258 2.26 -21.96 7.20
N PRO B 263 10.00 -17.43 2.11
CA PRO B 263 10.91 -18.19 2.99
C PRO B 263 12.33 -17.69 2.78
N GLN B 264 12.64 -17.41 1.52
CA GLN B 264 13.94 -16.94 1.08
C GLN B 264 14.49 -15.83 1.97
N PHE B 265 13.63 -14.91 2.41
CA PHE B 265 14.04 -13.81 3.26
C PHE B 265 14.36 -14.24 4.68
N LEU B 266 13.54 -15.12 5.26
CA LEU B 266 13.81 -15.60 6.61
C LEU B 266 15.12 -16.34 6.62
N ASN B 267 15.48 -16.92 5.49
CA ASN B 267 16.73 -17.66 5.34
C ASN B 267 17.92 -16.75 5.24
N VAL B 268 17.77 -15.65 4.52
CA VAL B 268 18.86 -14.70 4.40
C VAL B 268 19.15 -14.14 5.80
N TRP B 269 18.08 -13.87 6.56
CA TRP B 269 18.22 -13.36 7.92
C TRP B 269 19.00 -14.34 8.78
N TRP B 270 18.56 -15.60 8.80
CA TRP B 270 19.19 -16.68 9.57
C TRP B 270 20.58 -17.03 9.06
N ASP B 271 20.81 -16.89 7.77
CA ASP B 271 22.13 -17.17 7.23
C ASP B 271 23.08 -16.17 7.91
N ILE B 272 22.78 -14.88 7.81
CA ILE B 272 23.59 -13.83 8.42
C ILE B 272 23.73 -14.02 9.94
N PHE B 273 22.69 -14.53 10.58
CA PHE B 273 22.76 -14.74 12.02
C PHE B 273 23.71 -15.88 12.38
N THR B 274 23.51 -17.01 11.71
CA THR B 274 24.30 -18.21 11.92
C THR B 274 25.80 -18.08 11.57
N THR B 275 26.09 -17.39 10.47
CA THR B 275 27.46 -17.19 10.03
C THR B 275 28.19 -16.04 10.74
N SER B 276 27.56 -14.86 10.79
CA SER B 276 28.18 -13.68 11.41
C SER B 276 27.91 -13.42 12.87
N VAL B 277 26.66 -13.62 13.32
CA VAL B 277 26.31 -13.32 14.71
C VAL B 277 26.57 -14.39 15.77
N VAL B 278 26.26 -15.65 15.48
CA VAL B 278 26.48 -16.74 16.45
C VAL B 278 27.92 -16.90 16.95
N PRO B 279 28.93 -16.84 16.03
CA PRO B 279 30.35 -16.97 16.41
C PRO B 279 30.73 -15.95 17.49
N LEU B 280 30.31 -14.72 17.24
CA LEU B 280 30.54 -13.60 18.13
C LEU B 280 29.79 -13.84 19.43
N LEU B 281 28.50 -14.19 19.33
CA LEU B 281 27.62 -14.41 20.49
C LEU B 281 27.99 -15.39 21.65
N GLN B 282 27.53 -15.03 22.85
CA GLN B 282 27.74 -15.76 24.11
C GLN B 282 29.18 -16.07 24.44
MN MN C . -11.84 -4.13 -9.56
N1 UDP D . -14.65 -6.90 -15.90
C2 UDP D . -15.66 -7.35 -16.71
N3 UDP D . -15.74 -8.74 -16.89
C4 UDP D . -14.83 -9.70 -16.32
C5 UDP D . -13.78 -9.15 -15.49
C6 UDP D . -13.73 -7.81 -15.32
O2 UDP D . -16.46 -6.58 -17.22
O4 UDP D . -15.01 -10.89 -16.57
C1' UDP D . -14.51 -5.45 -15.69
C2' UDP D . -15.25 -4.87 -14.48
O2' UDP D . -15.61 -3.52 -14.74
C3' UDP D . -14.24 -5.02 -13.42
C4' UDP D . -12.97 -4.59 -14.18
O4' UDP D . -13.16 -5.22 -15.46
O3' UDP D . -14.60 -4.10 -12.42
C5' UDP D . -11.65 -5.13 -13.66
O5' UDP D . -11.81 -6.41 -13.06
PA UDP D . -11.98 -6.84 -11.54
O1A UDP D . -12.89 -5.85 -10.89
O2A UDP D . -12.45 -8.28 -11.60
O3A UDP D . -10.53 -6.62 -11.02
PB UDP D . -9.89 -6.70 -9.57
O1B UDP D . -10.03 -5.19 -8.99
O2B UDP D . -8.46 -7.08 -9.85
O3B UDP D . -10.66 -7.51 -8.65
MN MN E . 9.22 -3.30 12.39
N1 UDP F . 11.26 -2.53 19.57
C2 UDP F . 12.00 -2.90 20.66
N3 UDP F . 11.33 -3.62 21.64
C4 UDP F . 9.94 -3.99 21.60
C5 UDP F . 9.22 -3.57 20.41
C6 UDP F . 9.88 -2.86 19.47
O2 UDP F . 13.21 -2.61 20.76
O4 UDP F . 9.47 -4.64 22.55
C1' UDP F . 11.93 -1.74 18.50
C2' UDP F . 12.55 -2.55 17.37
O2' UDP F . 13.66 -1.87 16.82
C3' UDP F . 11.42 -2.68 16.44
C4' UDP F . 10.84 -1.27 16.51
O4' UDP F . 10.91 -0.96 17.91
O3' UDP F . 11.98 -2.96 15.19
C5' UDP F . 9.36 -1.13 16.15
O5' UDP F . 8.63 -2.33 16.47
PA UDP F . 8.25 -3.58 15.57
O1A UDP F . 9.43 -3.83 14.62
O2A UDP F . 7.90 -4.68 16.56
O3A UDP F . 7.06 -2.99 14.76
PB UDP F . 6.17 -3.55 13.57
O1B UDP F . 6.96 -3.09 12.23
O2B UDP F . 4.87 -2.86 13.75
O3B UDP F . 6.20 -5.01 13.51
#